data_1RK1
#
_entry.id   1RK1
#
_cell.length_a   135.243
_cell.length_b   89.543
_cell.length_c   45.253
_cell.angle_alpha   90.00
_cell.angle_beta   90.00
_cell.angle_gamma   90.00
#
_symmetry.space_group_name_H-M   'P 21 21 2'
#
loop_
_entity.id
_entity.type
_entity.pdbx_description
1 polymer 'H-2 class I histocompatibility antigen, K-B alpha chain'
2 polymer Beta-2-microglobulin
3 polymer 'Glycoprotein B'
4 branched beta-L-fucopyranose-(1-6)-2-acetamido-2-deoxy-beta-D-glucopyranose
5 non-polymer 2-acetamido-2-deoxy-beta-D-glucopyranose
6 water water
#
loop_
_entity_poly.entity_id
_entity_poly.type
_entity_poly.pdbx_seq_one_letter_code
_entity_poly.pdbx_strand_id
1 'polypeptide(L)'
;GPHSLRYFVTAVSRPGLGEPRYMEVGYVDDTEFVRFDSDAENPRYEPRARWMEQEGPEYWERETQKAKGNEQSFRVDLRT
LLGYYNQSKGGSHTIQVISGCEVGSDGRLLRGYQQYAYDGCDYIALNEDLKTWTAADMAALITKHKWEQAGEAERLRAYL
EGTCVEWLRRYLKNGNATLLRTDSPKAHVTHHSRPEDKVTLRCWALGFYPADITLTWQLNGEELIQDMELVETRPAGDGT
FQKWASVVVPLGKEQYYTCHVYHQGLPEPLTLRW
;
A
2 'polypeptide(L)'
;IQKTPQIQVYSRHPPENGKPNILNCYVTQFHPPHIEIQMLKNGKKIPKVEMSDMSFSKDWSFYILAHTEFTPTETDTYAC
RVKHDSMAEPKTVYWDRDM
;
B
3 'polypeptide(L)' SEIEFARL P
#
loop_
_chem_comp.id
_chem_comp.type
_chem_comp.name
_chem_comp.formula
FUL L-saccharide, beta linking beta-L-fucopyranose 'C6 H12 O5'
NAG D-saccharide, beta linking 2-acetamido-2-deoxy-beta-D-glucopyranose 'C8 H15 N O6'
#
# COMPACT_ATOMS: atom_id res chain seq x y z
N GLY A 1 -12.73 -13.17 11.06
CA GLY A 1 -12.97 -11.76 11.48
C GLY A 1 -13.45 -10.94 10.30
N PRO A 2 -13.42 -9.60 10.40
CA PRO A 2 -13.85 -8.72 9.31
C PRO A 2 -12.91 -8.76 8.11
N HIS A 3 -13.45 -8.41 6.94
CA HIS A 3 -12.67 -8.40 5.71
C HIS A 3 -13.04 -7.18 4.88
N SER A 4 -12.13 -6.74 4.02
CA SER A 4 -12.42 -5.57 3.21
C SER A 4 -12.08 -5.71 1.74
N LEU A 5 -12.73 -4.89 0.93
CA LEU A 5 -12.50 -4.82 -0.50
C LEU A 5 -12.20 -3.35 -0.78
N ARG A 6 -11.01 -3.07 -1.31
CA ARG A 6 -10.64 -1.69 -1.57
C ARG A 6 -10.01 -1.49 -2.94
N TYR A 7 -10.37 -0.39 -3.58
CA TYR A 7 -9.81 -0.06 -4.89
C TYR A 7 -9.11 1.28 -4.74
N PHE A 8 -7.82 1.31 -5.07
CA PHE A 8 -7.03 2.54 -5.03
C PHE A 8 -6.92 3.01 -6.48
N VAL A 9 -7.52 4.16 -6.77
CA VAL A 9 -7.53 4.70 -8.11
C VAL A 9 -6.72 5.98 -8.22
N THR A 10 -5.93 6.10 -9.28
CA THR A 10 -5.10 7.27 -9.50
C THR A 10 -5.13 7.73 -10.95
N ALA A 11 -5.33 9.03 -11.16
CA ALA A 11 -5.32 9.60 -12.51
C ALA A 11 -4.33 10.77 -12.42
N VAL A 12 -3.32 10.78 -13.28
CA VAL A 12 -2.30 11.83 -13.25
C VAL A 12 -2.06 12.44 -14.62
N SER A 13 -2.32 13.74 -14.76
CA SER A 13 -2.11 14.42 -16.03
C SER A 13 -0.62 14.70 -16.28
N ARG A 14 -0.27 14.88 -17.54
CA ARG A 14 1.10 15.15 -17.92
C ARG A 14 1.11 15.94 -19.23
N PRO A 15 0.79 17.23 -19.16
CA PRO A 15 0.74 18.12 -20.32
C PRO A 15 1.96 17.98 -21.22
N GLY A 16 1.71 17.88 -22.52
CA GLY A 16 2.79 17.76 -23.48
C GLY A 16 3.31 16.34 -23.66
N LEU A 17 2.86 15.41 -22.83
CA LEU A 17 3.33 14.04 -22.95
C LEU A 17 2.23 13.03 -23.24
N GLY A 18 1.07 13.53 -23.68
CA GLY A 18 -0.02 12.63 -23.99
C GLY A 18 -1.12 12.61 -22.95
N GLU A 19 -1.97 11.58 -23.02
CA GLU A 19 -3.09 11.44 -22.10
C GLU A 19 -2.67 11.08 -20.67
N PRO A 20 -3.51 11.45 -19.68
CA PRO A 20 -3.21 11.15 -18.26
C PRO A 20 -3.00 9.67 -18.00
N ARG A 21 -2.12 9.34 -17.06
CA ARG A 21 -1.92 7.94 -16.71
C ARG A 21 -3.05 7.59 -15.76
N TYR A 22 -3.67 6.44 -15.95
CA TYR A 22 -4.78 6.01 -15.11
C TYR A 22 -4.49 4.63 -14.57
N MET A 23 -4.60 4.49 -13.25
CA MET A 23 -4.32 3.22 -12.59
C MET A 23 -5.37 2.83 -11.57
N GLU A 24 -5.65 1.53 -11.50
CA GLU A 24 -6.59 0.99 -10.54
C GLU A 24 -5.93 -0.20 -9.89
N VAL A 25 -5.92 -0.24 -8.56
CA VAL A 25 -5.35 -1.39 -7.88
C VAL A 25 -6.34 -1.83 -6.83
N GLY A 26 -6.71 -3.11 -6.86
CA GLY A 26 -7.67 -3.63 -5.91
C GLY A 26 -7.07 -4.57 -4.88
N TYR A 27 -7.60 -4.51 -3.66
CA TYR A 27 -7.13 -5.37 -2.59
C TYR A 27 -8.29 -6.00 -1.83
N VAL A 28 -8.09 -7.24 -1.40
CA VAL A 28 -9.05 -7.92 -0.55
C VAL A 28 -8.15 -8.01 0.69
N ASP A 29 -8.55 -7.31 1.76
CA ASP A 29 -7.76 -7.23 2.98
C ASP A 29 -6.41 -6.62 2.61
N ASP A 30 -5.31 -7.28 2.98
CA ASP A 30 -3.98 -6.76 2.64
C ASP A 30 -3.39 -7.42 1.39
N THR A 31 -4.22 -8.10 0.61
CA THR A 31 -3.73 -8.80 -0.58
C THR A 31 -4.12 -8.16 -1.92
N GLU A 32 -3.12 -7.78 -2.72
CA GLU A 32 -3.38 -7.20 -4.04
C GLU A 32 -3.98 -8.32 -4.88
N PHE A 33 -5.11 -8.08 -5.53
CA PHE A 33 -5.71 -9.12 -6.34
C PHE A 33 -6.06 -8.77 -7.78
N VAL A 34 -6.16 -7.48 -8.12
CA VAL A 34 -6.41 -7.05 -9.49
C VAL A 34 -5.72 -5.72 -9.76
N ARG A 35 -5.45 -5.45 -11.04
CA ARG A 35 -4.78 -4.21 -11.43
C ARG A 35 -5.05 -3.79 -12.87
N PHE A 36 -5.06 -2.47 -13.08
CA PHE A 36 -5.23 -1.89 -14.40
C PHE A 36 -4.28 -0.70 -14.51
N ASP A 37 -3.47 -0.67 -15.55
CA ASP A 37 -2.52 0.41 -15.76
C ASP A 37 -2.59 0.87 -17.21
N SER A 38 -3.09 2.07 -17.45
CA SER A 38 -3.24 2.60 -18.80
C SER A 38 -1.93 2.73 -19.57
N ASP A 39 -0.80 2.72 -18.86
CA ASP A 39 0.49 2.84 -19.54
C ASP A 39 1.03 1.50 -20.04
N ALA A 40 0.39 0.40 -19.65
CA ALA A 40 0.83 -0.91 -20.11
C ALA A 40 0.72 -0.97 -21.63
N GLU A 41 1.52 -1.84 -22.24
CA GLU A 41 1.53 -2.01 -23.70
C GLU A 41 0.10 -2.09 -24.24
N ASN A 42 -0.68 -2.99 -23.65
CA ASN A 42 -2.08 -3.17 -24.03
C ASN A 42 -2.88 -3.24 -22.73
N PRO A 43 -3.32 -2.08 -22.21
CA PRO A 43 -4.08 -2.00 -20.97
C PRO A 43 -5.29 -2.93 -20.85
N ARG A 44 -5.23 -3.80 -19.85
CA ARG A 44 -6.27 -4.78 -19.57
C ARG A 44 -6.34 -4.95 -18.05
N TYR A 45 -7.50 -5.35 -17.54
CA TYR A 45 -7.62 -5.60 -16.10
C TYR A 45 -6.93 -6.95 -15.94
N GLU A 46 -6.00 -7.06 -14.99
CA GLU A 46 -5.27 -8.30 -14.78
C GLU A 46 -5.34 -8.85 -13.37
N PRO A 47 -5.34 -10.18 -13.23
CA PRO A 47 -5.39 -10.79 -11.89
C PRO A 47 -4.01 -10.58 -11.26
N ARG A 48 -3.98 -10.44 -9.94
CA ARG A 48 -2.72 -10.23 -9.23
C ARG A 48 -2.55 -11.26 -8.12
N ALA A 49 -3.56 -12.11 -7.98
CA ALA A 49 -3.56 -13.19 -7.00
C ALA A 49 -4.00 -14.45 -7.75
N ARG A 50 -3.36 -15.58 -7.44
CA ARG A 50 -3.65 -16.83 -8.11
C ARG A 50 -5.11 -17.24 -8.13
N TRP A 51 -5.81 -17.08 -7.02
CA TRP A 51 -7.21 -17.48 -6.98
C TRP A 51 -8.13 -16.72 -7.95
N MET A 52 -7.66 -15.63 -8.53
CA MET A 52 -8.51 -14.91 -9.46
C MET A 52 -8.64 -15.62 -10.80
N GLU A 53 -7.94 -16.75 -10.95
CA GLU A 53 -8.01 -17.54 -12.16
C GLU A 53 -9.40 -18.18 -12.20
N GLN A 54 -10.11 -18.11 -11.08
CA GLN A 54 -11.44 -18.70 -10.99
C GLN A 54 -12.51 -17.87 -11.68
N GLU A 55 -12.16 -16.65 -12.08
CA GLU A 55 -13.11 -15.80 -12.80
C GLU A 55 -12.99 -16.07 -14.31
N GLY A 56 -14.12 -16.22 -14.98
CA GLY A 56 -14.11 -16.49 -16.40
C GLY A 56 -13.68 -15.31 -17.25
N PRO A 57 -13.61 -15.47 -18.59
CA PRO A 57 -13.20 -14.38 -19.47
C PRO A 57 -14.18 -13.20 -19.50
N GLU A 58 -15.44 -13.45 -19.22
CA GLU A 58 -16.43 -12.37 -19.21
C GLU A 58 -16.02 -11.33 -18.16
N TYR A 59 -15.62 -11.79 -16.98
CA TYR A 59 -15.21 -10.91 -15.90
C TYR A 59 -14.09 -9.96 -16.33
N TRP A 60 -13.03 -10.52 -16.89
CA TRP A 60 -11.90 -9.70 -17.34
C TRP A 60 -12.29 -8.71 -18.44
N GLU A 61 -13.16 -9.12 -19.34
CA GLU A 61 -13.57 -8.23 -20.42
C GLU A 61 -14.39 -7.09 -19.84
N ARG A 62 -15.32 -7.41 -18.95
CA ARG A 62 -16.18 -6.41 -18.35
C ARG A 62 -15.40 -5.42 -17.47
N GLU A 63 -14.47 -5.93 -16.68
CA GLU A 63 -13.67 -5.06 -15.81
C GLU A 63 -12.73 -4.20 -16.65
N THR A 64 -12.24 -4.75 -17.75
CA THR A 64 -11.35 -3.99 -18.63
C THR A 64 -12.13 -2.85 -19.28
N GLN A 65 -13.34 -3.12 -19.73
CA GLN A 65 -14.14 -2.08 -20.37
C GLN A 65 -14.53 -1.02 -19.36
N LYS A 66 -14.86 -1.46 -18.15
CA LYS A 66 -15.24 -0.55 -17.08
C LYS A 66 -14.06 0.37 -16.72
N ALA A 67 -12.86 -0.20 -16.73
CA ALA A 67 -11.66 0.57 -16.40
C ALA A 67 -11.36 1.61 -17.47
N LYS A 68 -11.52 1.23 -18.74
CA LYS A 68 -11.27 2.19 -19.81
C LYS A 68 -12.30 3.31 -19.76
N GLY A 69 -13.52 2.99 -19.37
CA GLY A 69 -14.56 3.99 -19.26
C GLY A 69 -14.21 4.97 -18.14
N ASN A 70 -13.76 4.43 -17.01
CA ASN A 70 -13.37 5.26 -15.88
C ASN A 70 -12.19 6.14 -16.26
N GLU A 71 -11.26 5.57 -17.01
CA GLU A 71 -10.07 6.32 -17.45
C GLU A 71 -10.49 7.56 -18.23
N GLN A 72 -11.27 7.37 -19.29
CA GLN A 72 -11.72 8.48 -20.11
C GLN A 72 -12.50 9.50 -19.30
N SER A 73 -13.31 9.02 -18.37
CA SER A 73 -14.11 9.92 -17.54
C SER A 73 -13.23 10.72 -16.57
N PHE A 74 -12.11 10.15 -16.14
CA PHE A 74 -11.23 10.88 -15.24
C PHE A 74 -10.46 11.94 -16.00
N ARG A 75 -10.34 11.75 -17.31
CA ARG A 75 -9.65 12.72 -18.14
C ARG A 75 -10.49 13.99 -18.11
N VAL A 76 -11.81 13.81 -18.06
CA VAL A 76 -12.74 14.92 -18.01
C VAL A 76 -12.65 15.59 -16.64
N ASP A 77 -12.58 14.78 -15.59
CA ASP A 77 -12.47 15.31 -14.23
C ASP A 77 -11.24 16.20 -14.06
N LEU A 78 -10.10 15.75 -14.58
CA LEU A 78 -8.88 16.54 -14.47
C LEU A 78 -9.09 17.91 -15.12
N ARG A 79 -9.74 17.95 -16.28
CA ARG A 79 -9.99 19.22 -16.95
C ARG A 79 -10.99 20.04 -16.14
N THR A 80 -12.03 19.40 -15.62
CA THR A 80 -13.02 20.10 -14.83
C THR A 80 -12.39 20.81 -13.63
N LEU A 81 -11.51 20.12 -12.91
CA LEU A 81 -10.88 20.73 -11.75
C LEU A 81 -9.98 21.90 -12.10
N LEU A 82 -9.44 21.93 -13.31
CA LEU A 82 -8.59 23.06 -13.71
C LEU A 82 -9.48 24.30 -13.70
N GLY A 83 -10.73 24.11 -14.11
CA GLY A 83 -11.68 25.21 -14.11
C GLY A 83 -12.11 25.62 -12.71
N TYR A 84 -12.40 24.64 -11.86
CA TYR A 84 -12.82 24.93 -10.49
C TYR A 84 -11.74 25.72 -9.76
N TYR A 85 -10.49 25.30 -9.91
CA TYR A 85 -9.37 25.96 -9.23
C TYR A 85 -8.65 27.03 -10.03
N ASN A 86 -9.12 27.29 -11.25
CA ASN A 86 -8.51 28.29 -12.13
C ASN A 86 -7.00 28.05 -12.24
N GLN A 87 -6.63 26.86 -12.68
CA GLN A 87 -5.22 26.51 -12.81
C GLN A 87 -4.77 26.41 -14.26
N SER A 88 -3.46 26.61 -14.47
CA SER A 88 -2.89 26.53 -15.81
C SER A 88 -3.11 25.15 -16.43
N LYS A 89 -3.11 25.11 -17.74
CA LYS A 89 -3.31 23.87 -18.47
C LYS A 89 -1.99 23.13 -18.69
N GLY A 90 -0.89 23.73 -18.22
CA GLY A 90 0.41 23.11 -18.41
C GLY A 90 1.01 22.35 -17.24
N GLY A 91 0.33 22.34 -16.10
CA GLY A 91 0.87 21.64 -14.95
C GLY A 91 0.31 20.23 -14.75
N SER A 92 1.07 19.39 -14.07
CA SER A 92 0.64 18.02 -13.79
C SER A 92 -0.20 18.02 -12.51
N HIS A 93 -1.32 17.30 -12.51
CA HIS A 93 -2.18 17.24 -11.34
C HIS A 93 -2.62 15.81 -11.07
N THR A 94 -3.04 15.53 -9.83
CA THR A 94 -3.44 14.18 -9.46
C THR A 94 -4.79 14.02 -8.78
N ILE A 95 -5.55 13.04 -9.22
CA ILE A 95 -6.83 12.72 -8.61
C ILE A 95 -6.66 11.33 -8.00
N GLN A 96 -7.06 11.15 -6.76
CA GLN A 96 -6.95 9.87 -6.09
C GLN A 96 -8.29 9.48 -5.52
N VAL A 97 -8.61 8.20 -5.56
CA VAL A 97 -9.87 7.73 -5.02
C VAL A 97 -9.69 6.41 -4.28
N ILE A 98 -10.30 6.29 -3.11
CA ILE A 98 -10.28 5.03 -2.36
C ILE A 98 -11.75 4.69 -2.25
N SER A 99 -12.10 3.52 -2.76
CA SER A 99 -13.48 3.04 -2.78
C SER A 99 -13.57 1.61 -2.31
N GLY A 100 -14.60 1.29 -1.54
CA GLY A 100 -14.74 -0.07 -1.07
C GLY A 100 -15.71 -0.29 0.07
N CYS A 101 -15.76 -1.53 0.54
CA CYS A 101 -16.65 -1.92 1.62
C CYS A 101 -15.95 -2.87 2.58
N GLU A 102 -16.54 -3.01 3.75
CA GLU A 102 -15.98 -3.87 4.79
C GLU A 102 -17.11 -4.72 5.36
N VAL A 103 -16.88 -6.01 5.54
CA VAL A 103 -17.90 -6.90 6.10
C VAL A 103 -17.38 -7.62 7.34
N GLY A 104 -18.31 -8.06 8.18
CA GLY A 104 -17.95 -8.79 9.38
C GLY A 104 -17.74 -10.26 9.07
N SER A 105 -17.49 -11.05 10.11
CA SER A 105 -17.27 -12.49 9.97
C SER A 105 -18.49 -13.19 9.37
N ASP A 106 -19.68 -12.61 9.56
CA ASP A 106 -20.90 -13.21 9.03
C ASP A 106 -21.23 -12.75 7.61
N GLY A 107 -20.34 -11.95 7.03
CA GLY A 107 -20.55 -11.47 5.67
C GLY A 107 -21.44 -10.25 5.51
N ARG A 108 -21.87 -9.66 6.62
CA ARG A 108 -22.73 -8.48 6.54
C ARG A 108 -21.92 -7.19 6.55
N LEU A 109 -22.44 -6.18 5.88
CA LEU A 109 -21.79 -4.87 5.77
C LEU A 109 -21.48 -4.20 7.10
N LEU A 110 -20.22 -3.83 7.29
CA LEU A 110 -19.78 -3.13 8.49
C LEU A 110 -19.67 -1.64 8.13
N ARG A 111 -19.22 -1.37 6.91
CA ARG A 111 -19.11 0.01 6.46
C ARG A 111 -18.66 0.13 5.02
N GLY A 112 -19.01 1.25 4.40
CA GLY A 112 -18.64 1.50 3.03
C GLY A 112 -17.95 2.84 2.96
N TYR A 113 -17.19 3.09 1.90
CA TYR A 113 -16.51 4.37 1.81
C TYR A 113 -16.10 4.73 0.39
N GLN A 114 -15.90 6.02 0.15
CA GLN A 114 -15.50 6.53 -1.14
C GLN A 114 -14.99 7.93 -0.88
N GLN A 115 -13.68 8.09 -1.04
CA GLN A 115 -13.05 9.37 -0.77
C GLN A 115 -12.12 9.80 -1.89
N TYR A 116 -12.21 11.07 -2.24
CA TYR A 116 -11.39 11.65 -3.30
C TYR A 116 -10.42 12.67 -2.75
N ALA A 117 -9.30 12.84 -3.46
CA ALA A 117 -8.29 13.82 -3.11
C ALA A 117 -7.84 14.42 -4.45
N TYR A 118 -7.39 15.65 -4.41
CA TYR A 118 -6.89 16.35 -5.59
C TYR A 118 -5.55 16.91 -5.17
N ASP A 119 -4.50 16.53 -5.90
CA ASP A 119 -3.13 16.94 -5.59
C ASP A 119 -2.76 16.66 -4.14
N GLY A 120 -3.13 15.49 -3.65
CA GLY A 120 -2.77 15.10 -2.29
C GLY A 120 -3.57 15.68 -1.14
N CYS A 121 -4.68 16.36 -1.42
CA CYS A 121 -5.49 16.93 -0.35
C CYS A 121 -6.94 16.47 -0.46
N ASP A 122 -7.57 16.27 0.70
CA ASP A 122 -8.96 15.85 0.77
C ASP A 122 -9.77 16.71 -0.20
N TYR A 123 -10.67 16.06 -0.94
CA TYR A 123 -11.53 16.78 -1.86
C TYR A 123 -12.97 16.57 -1.39
N ILE A 124 -13.49 15.37 -1.62
CA ILE A 124 -14.85 15.06 -1.19
C ILE A 124 -14.88 13.62 -0.70
N ALA A 125 -15.80 13.34 0.22
CA ALA A 125 -15.91 12.00 0.76
C ALA A 125 -17.34 11.67 1.17
N LEU A 126 -17.72 10.41 1.03
CA LEU A 126 -19.05 9.97 1.43
C LEU A 126 -18.99 9.79 2.94
N ASN A 127 -19.98 10.31 3.65
CA ASN A 127 -20.01 10.17 5.09
C ASN A 127 -20.39 8.75 5.48
N GLU A 128 -20.12 8.38 6.73
CA GLU A 128 -20.40 7.05 7.23
C GLU A 128 -21.86 6.63 7.03
N ASP A 129 -22.76 7.60 6.98
CA ASP A 129 -24.19 7.30 6.81
C ASP A 129 -24.51 6.82 5.39
N LEU A 130 -23.56 6.99 4.48
CA LEU A 130 -23.73 6.60 3.09
C LEU A 130 -24.91 7.34 2.45
N LYS A 131 -25.19 8.53 2.96
CA LYS A 131 -26.30 9.34 2.44
C LYS A 131 -25.85 10.75 2.05
N THR A 132 -24.83 11.26 2.73
CA THR A 132 -24.35 12.62 2.45
C THR A 132 -22.84 12.69 2.25
N TRP A 133 -22.41 13.80 1.66
CA TRP A 133 -21.00 14.03 1.38
C TRP A 133 -20.39 15.15 2.21
N THR A 134 -19.07 15.12 2.34
CA THR A 134 -18.36 16.16 3.06
C THR A 134 -17.34 16.71 2.08
N ALA A 135 -17.44 18.00 1.78
CA ALA A 135 -16.54 18.67 0.83
C ALA A 135 -15.49 19.46 1.60
N ALA A 136 -14.23 19.34 1.18
CA ALA A 136 -13.12 20.03 1.85
C ALA A 136 -12.92 21.49 1.47
N ASP A 137 -13.45 21.89 0.32
CA ASP A 137 -13.33 23.27 -0.14
C ASP A 137 -14.49 23.63 -1.08
N MET A 138 -14.49 24.86 -1.56
CA MET A 138 -15.56 25.33 -2.44
C MET A 138 -15.64 24.62 -3.78
N ALA A 139 -14.51 24.12 -4.26
CA ALA A 139 -14.51 23.39 -5.52
C ALA A 139 -15.31 22.11 -5.30
N ALA A 140 -14.96 21.38 -4.24
CA ALA A 140 -15.64 20.13 -3.91
C ALA A 140 -17.11 20.38 -3.60
N LEU A 141 -17.43 21.58 -3.12
CA LEU A 141 -18.83 21.90 -2.82
C LEU A 141 -19.67 21.91 -4.11
N ILE A 142 -19.02 22.24 -5.23
CA ILE A 142 -19.71 22.26 -6.52
C ILE A 142 -20.04 20.82 -6.90
N THR A 143 -19.08 19.93 -6.68
CA THR A 143 -19.29 18.52 -7.01
C THR A 143 -20.43 17.98 -6.13
N LYS A 144 -20.36 18.30 -4.84
CA LYS A 144 -21.38 17.87 -3.89
C LYS A 144 -22.78 18.23 -4.40
N HIS A 145 -22.95 19.49 -4.79
CA HIS A 145 -24.25 19.95 -5.29
C HIS A 145 -24.65 19.17 -6.54
N LYS A 146 -23.72 18.94 -7.45
CA LYS A 146 -24.03 18.15 -8.65
C LYS A 146 -24.49 16.74 -8.27
N TRP A 147 -23.73 16.07 -7.40
CA TRP A 147 -24.09 14.71 -7.01
C TRP A 147 -25.41 14.62 -6.27
N GLU A 148 -25.73 15.63 -5.47
CA GLU A 148 -27.00 15.61 -4.74
C GLU A 148 -28.17 15.67 -5.73
N GLN A 149 -28.06 16.53 -6.73
CA GLN A 149 -29.12 16.66 -7.74
C GLN A 149 -29.20 15.45 -8.66
N ALA A 150 -28.14 14.67 -8.72
CA ALA A 150 -28.12 13.50 -9.58
C ALA A 150 -28.50 12.22 -8.83
N GLY A 151 -28.62 12.31 -7.51
CA GLY A 151 -28.96 11.13 -6.74
C GLY A 151 -27.80 10.16 -6.68
N GLU A 152 -26.59 10.70 -6.79
CA GLU A 152 -25.38 9.90 -6.77
C GLU A 152 -25.20 9.12 -5.47
N ALA A 153 -25.61 9.72 -4.35
CA ALA A 153 -25.47 9.06 -3.06
C ALA A 153 -26.25 7.74 -3.04
N GLU A 154 -27.44 7.75 -3.63
CA GLU A 154 -28.27 6.57 -3.67
C GLU A 154 -27.64 5.47 -4.52
N ARG A 155 -27.06 5.87 -5.65
CA ARG A 155 -26.42 4.92 -6.55
C ARG A 155 -25.22 4.28 -5.87
N LEU A 156 -24.40 5.12 -5.22
CA LEU A 156 -23.22 4.63 -4.53
C LEU A 156 -23.62 3.72 -3.38
N ARG A 157 -24.70 4.07 -2.71
CA ARG A 157 -25.16 3.26 -1.58
C ARG A 157 -25.63 1.88 -2.05
N ALA A 158 -26.25 1.82 -3.23
CA ALA A 158 -26.72 0.55 -3.77
C ALA A 158 -25.48 -0.29 -4.13
N TYR A 159 -24.43 0.37 -4.60
CA TYR A 159 -23.21 -0.35 -4.95
C TYR A 159 -22.52 -0.90 -3.70
N LEU A 160 -22.35 -0.04 -2.69
CA LEU A 160 -21.67 -0.44 -1.46
C LEU A 160 -22.39 -1.54 -0.69
N GLU A 161 -23.71 -1.44 -0.56
CA GLU A 161 -24.48 -2.44 0.18
C GLU A 161 -24.75 -3.70 -0.62
N GLY A 162 -24.74 -3.59 -1.94
CA GLY A 162 -25.02 -4.75 -2.76
C GLY A 162 -23.80 -5.30 -3.48
N THR A 163 -23.57 -4.79 -4.68
CA THR A 163 -22.46 -5.21 -5.52
C THR A 163 -21.14 -5.40 -4.77
N CYS A 164 -20.72 -4.38 -4.03
CA CYS A 164 -19.45 -4.46 -3.31
C CYS A 164 -19.41 -5.61 -2.32
N VAL A 165 -20.44 -5.71 -1.48
CA VAL A 165 -20.49 -6.77 -0.48
C VAL A 165 -20.56 -8.14 -1.14
N GLU A 166 -21.37 -8.27 -2.17
CA GLU A 166 -21.52 -9.54 -2.85
C GLU A 166 -20.24 -10.06 -3.49
N TRP A 167 -19.49 -9.19 -4.17
CA TRP A 167 -18.24 -9.64 -4.78
C TRP A 167 -17.20 -9.94 -3.72
N LEU A 168 -17.16 -9.14 -2.65
CA LEU A 168 -16.19 -9.40 -1.58
C LEU A 168 -16.43 -10.80 -1.02
N ARG A 169 -17.69 -11.15 -0.76
CA ARG A 169 -18.03 -12.47 -0.22
C ARG A 169 -17.55 -13.55 -1.17
N ARG A 170 -17.75 -13.32 -2.45
CA ARG A 170 -17.34 -14.27 -3.48
C ARG A 170 -15.82 -14.39 -3.56
N TYR A 171 -15.10 -13.28 -3.46
CA TYR A 171 -13.65 -13.31 -3.52
C TYR A 171 -13.08 -14.10 -2.34
N LEU A 172 -13.65 -13.88 -1.16
CA LEU A 172 -13.22 -14.55 0.07
C LEU A 172 -13.49 -16.05 -0.03
N LYS A 173 -14.56 -16.40 -0.73
CA LYS A 173 -14.93 -17.80 -0.92
C LYS A 173 -13.94 -18.46 -1.89
N ASN A 174 -13.75 -17.85 -3.05
CA ASN A 174 -12.82 -18.40 -4.05
C ASN A 174 -11.36 -18.44 -3.61
N GLY A 175 -10.90 -17.39 -2.94
CA GLY A 175 -9.51 -17.36 -2.51
C GLY A 175 -9.33 -17.66 -1.04
N ASN A 176 -10.25 -18.44 -0.48
CA ASN A 176 -10.22 -18.80 0.93
C ASN A 176 -8.90 -19.38 1.42
N ALA A 177 -8.25 -20.23 0.63
CA ALA A 177 -6.99 -20.84 1.04
C ALA A 177 -5.88 -19.81 1.26
N THR A 178 -5.97 -18.69 0.56
CA THR A 178 -4.99 -17.62 0.67
C THR A 178 -5.44 -16.54 1.64
N LEU A 179 -6.67 -16.07 1.44
CA LEU A 179 -7.23 -14.99 2.25
C LEU A 179 -7.56 -15.30 3.71
N LEU A 180 -7.93 -16.54 4.00
CA LEU A 180 -8.29 -16.90 5.38
C LEU A 180 -7.16 -17.57 6.14
N ARG A 181 -5.99 -17.64 5.54
CA ARG A 181 -4.85 -18.27 6.19
C ARG A 181 -4.23 -17.35 7.23
N THR A 182 -3.38 -17.93 8.05
CA THR A 182 -2.66 -17.16 9.05
C THR A 182 -1.22 -17.67 9.03
N ASP A 183 -0.27 -16.78 8.73
CA ASP A 183 1.14 -17.17 8.73
C ASP A 183 1.71 -16.55 10.00
N SER A 184 2.23 -17.40 10.89
CA SER A 184 2.79 -16.96 12.16
C SER A 184 4.12 -16.21 12.01
N PRO A 185 4.28 -15.11 12.76
CA PRO A 185 5.54 -14.35 12.69
C PRO A 185 6.72 -15.14 13.25
N LYS A 186 7.89 -14.91 12.68
CA LYS A 186 9.12 -15.53 13.15
C LYS A 186 9.93 -14.32 13.60
N ALA A 187 10.36 -14.33 14.85
CA ALA A 187 11.08 -13.17 15.37
C ALA A 187 12.50 -13.45 15.81
N HIS A 188 13.31 -12.39 15.80
CA HIS A 188 14.69 -12.45 16.24
C HIS A 188 15.10 -11.03 16.63
N VAL A 189 16.15 -10.93 17.43
CA VAL A 189 16.63 -9.63 17.88
C VAL A 189 18.08 -9.41 17.43
N THR A 190 18.38 -8.23 16.92
CA THR A 190 19.74 -7.92 16.49
C THR A 190 20.32 -6.87 17.43
N HIS A 191 21.64 -6.87 17.53
CA HIS A 191 22.37 -5.99 18.42
C HIS A 191 23.37 -5.11 17.67
N HIS A 192 23.39 -3.82 17.99
CA HIS A 192 24.30 -2.88 17.36
C HIS A 192 24.88 -1.92 18.41
N SER A 193 26.20 -1.79 18.42
CA SER A 193 26.86 -0.92 19.38
C SER A 193 26.68 0.55 18.99
N ARG A 194 26.66 1.41 20.01
CA ARG A 194 26.51 2.84 19.80
C ARG A 194 27.55 3.53 20.67
N PRO A 195 27.94 4.75 20.30
CA PRO A 195 28.94 5.43 21.14
C PRO A 195 28.30 5.79 22.49
N GLU A 196 29.12 5.91 23.52
CA GLU A 196 28.65 6.26 24.86
C GLU A 196 28.08 5.06 25.60
N ASP A 197 28.68 3.88 25.38
CA ASP A 197 28.25 2.66 26.04
C ASP A 197 26.75 2.40 25.96
N LYS A 198 26.17 2.65 24.79
CA LYS A 198 24.76 2.42 24.56
C LYS A 198 24.65 1.38 23.46
N VAL A 199 23.53 0.66 23.43
CA VAL A 199 23.32 -0.36 22.42
C VAL A 199 21.93 -0.29 21.80
N THR A 200 21.86 -0.55 20.50
CA THR A 200 20.58 -0.54 19.81
C THR A 200 20.10 -1.98 19.72
N LEU A 201 18.90 -2.25 20.25
CA LEU A 201 18.33 -3.58 20.18
C LEU A 201 17.18 -3.49 19.18
N ARG A 202 17.18 -4.38 18.19
CA ARG A 202 16.14 -4.36 17.19
C ARG A 202 15.41 -5.68 17.12
N CYS A 203 14.09 -5.62 17.28
CA CYS A 203 13.27 -6.82 17.24
C CYS A 203 12.62 -6.92 15.87
N TRP A 204 12.82 -8.04 15.20
CA TRP A 204 12.26 -8.27 13.89
C TRP A 204 11.13 -9.30 13.92
N ALA A 205 10.09 -9.07 13.13
CA ALA A 205 8.97 -9.99 13.00
C ALA A 205 8.88 -10.24 11.50
N LEU A 206 9.03 -11.50 11.09
CA LEU A 206 9.00 -11.85 9.66
C LEU A 206 7.98 -12.92 9.27
N GLY A 207 7.69 -12.97 7.97
CA GLY A 207 6.80 -13.96 7.38
C GLY A 207 5.38 -14.12 7.90
N PHE A 208 4.76 -13.03 8.34
CA PHE A 208 3.40 -13.17 8.86
C PHE A 208 2.30 -12.64 7.94
N TYR A 209 1.08 -13.07 8.23
CA TYR A 209 -0.11 -12.65 7.49
C TYR A 209 -1.30 -13.03 8.38
N PRO A 210 -2.30 -12.14 8.51
CA PRO A 210 -2.40 -10.81 7.89
C PRO A 210 -1.38 -9.79 8.40
N ALA A 211 -1.45 -8.58 7.85
CA ALA A 211 -0.52 -7.51 8.18
C ALA A 211 -0.59 -6.93 9.59
N ASP A 212 -1.76 -6.95 10.22
CA ASP A 212 -1.88 -6.39 11.57
C ASP A 212 -1.03 -7.16 12.56
N ILE A 213 -0.27 -6.43 13.37
CA ILE A 213 0.61 -7.04 14.35
C ILE A 213 1.04 -5.99 15.36
N THR A 214 1.42 -6.44 16.54
CA THR A 214 1.89 -5.53 17.57
C THR A 214 3.28 -5.97 18.03
N LEU A 215 4.20 -5.01 18.05
CA LEU A 215 5.58 -5.24 18.50
C LEU A 215 5.85 -4.22 19.60
N THR A 216 6.29 -4.69 20.75
CA THR A 216 6.58 -3.79 21.86
C THR A 216 7.87 -4.19 22.57
N TRP A 217 8.51 -3.23 23.23
CA TRP A 217 9.71 -3.52 24.00
C TRP A 217 9.36 -3.27 25.47
N GLN A 218 9.78 -4.16 26.34
CA GLN A 218 9.48 -4.01 27.76
C GLN A 218 10.70 -3.98 28.68
N LEU A 219 10.51 -3.33 29.82
CA LEU A 219 11.53 -3.21 30.85
C LEU A 219 10.81 -3.25 32.19
N ASN A 220 10.97 -4.35 32.92
CA ASN A 220 10.31 -4.49 34.22
C ASN A 220 8.79 -4.46 34.04
N GLY A 221 8.30 -5.19 33.03
CA GLY A 221 6.87 -5.24 32.78
C GLY A 221 6.28 -3.92 32.31
N GLU A 222 7.14 -2.99 31.91
CA GLU A 222 6.68 -1.68 31.45
C GLU A 222 6.98 -1.51 29.96
N GLU A 223 5.96 -1.09 29.21
CA GLU A 223 6.14 -0.86 27.78
C GLU A 223 6.87 0.45 27.52
N LEU A 224 7.88 0.40 26.65
CA LEU A 224 8.68 1.57 26.32
C LEU A 224 8.23 2.16 24.99
N ILE A 225 6.94 2.07 24.70
CA ILE A 225 6.40 2.60 23.45
C ILE A 225 6.90 4.01 23.13
N GLN A 226 7.38 4.73 24.13
CA GLN A 226 7.87 6.09 23.94
C GLN A 226 9.21 6.20 23.21
N ASP A 227 10.26 5.65 23.81
CA ASP A 227 11.61 5.70 23.23
C ASP A 227 11.87 4.57 22.24
N MET A 228 10.80 4.10 21.61
CA MET A 228 10.90 3.01 20.66
C MET A 228 10.83 3.51 19.22
N GLU A 229 11.73 3.01 18.37
CA GLU A 229 11.76 3.39 16.97
C GLU A 229 11.25 2.20 16.16
N LEU A 230 10.63 2.47 15.02
CA LEU A 230 10.10 1.38 14.20
C LEU A 230 9.71 1.81 12.78
N VAL A 231 9.32 0.83 11.97
CA VAL A 231 8.88 1.08 10.61
C VAL A 231 7.45 0.59 10.44
N GLU A 232 6.73 1.20 9.50
CA GLU A 232 5.37 0.77 9.24
C GLU A 232 5.47 -0.67 8.73
N THR A 233 4.49 -1.49 9.07
CA THR A 233 4.49 -2.86 8.60
C THR A 233 4.61 -2.78 7.08
N ARG A 234 5.34 -3.73 6.49
CA ARG A 234 5.58 -3.68 5.06
C ARG A 234 5.58 -5.04 4.40
N PRO A 235 5.14 -5.09 3.12
CA PRO A 235 5.06 -6.30 2.30
C PRO A 235 6.46 -6.82 1.99
N ALA A 236 6.63 -8.14 1.99
CA ALA A 236 7.93 -8.74 1.75
C ALA A 236 8.09 -9.36 0.38
N GLY A 237 7.19 -9.07 -0.55
CA GLY A 237 7.31 -9.60 -1.90
C GLY A 237 6.70 -10.95 -2.23
N ASP A 238 6.18 -11.64 -1.23
CA ASP A 238 5.57 -12.95 -1.48
C ASP A 238 4.19 -13.09 -0.83
N GLY A 239 3.55 -11.96 -0.53
CA GLY A 239 2.24 -12.02 0.08
C GLY A 239 2.26 -11.96 1.59
N THR A 240 3.45 -11.88 2.19
CA THR A 240 3.56 -11.80 3.64
C THR A 240 4.13 -10.43 3.99
N PHE A 241 4.19 -10.13 5.29
CA PHE A 241 4.69 -8.84 5.75
C PHE A 241 5.75 -8.98 6.84
N GLN A 242 6.43 -7.88 7.13
CA GLN A 242 7.47 -7.87 8.16
C GLN A 242 7.44 -6.52 8.85
N LYS A 243 8.15 -6.41 9.97
CA LYS A 243 8.20 -5.18 10.73
C LYS A 243 9.33 -5.27 11.76
N TRP A 244 9.82 -4.12 12.21
CA TRP A 244 10.83 -4.14 13.26
C TRP A 244 10.63 -2.95 14.18
N ALA A 245 11.03 -3.11 15.43
CA ALA A 245 10.93 -2.07 16.44
C ALA A 245 12.23 -2.13 17.24
N SER A 246 12.83 -0.97 17.49
CA SER A 246 14.08 -0.93 18.23
C SER A 246 14.03 0.02 19.41
N VAL A 247 14.97 -0.17 20.33
CA VAL A 247 15.09 0.67 21.51
C VAL A 247 16.58 0.78 21.85
N VAL A 248 16.98 1.92 22.39
CA VAL A 248 18.37 2.14 22.77
C VAL A 248 18.52 1.89 24.26
N VAL A 249 19.34 0.90 24.62
CA VAL A 249 19.54 0.56 26.03
C VAL A 249 21.00 0.67 26.47
N PRO A 250 21.24 0.79 27.78
CA PRO A 250 22.61 0.90 28.29
C PRO A 250 23.37 -0.41 28.12
N LEU A 251 24.61 -0.31 27.65
CA LEU A 251 25.45 -1.48 27.45
C LEU A 251 25.55 -2.25 28.75
N GLY A 252 25.47 -3.57 28.66
CA GLY A 252 25.55 -4.41 29.84
C GLY A 252 24.21 -4.74 30.47
N LYS A 253 23.17 -4.00 30.11
CA LYS A 253 21.83 -4.22 30.65
C LYS A 253 20.83 -4.73 29.63
N GLU A 254 21.33 -5.35 28.56
CA GLU A 254 20.45 -5.86 27.50
C GLU A 254 19.49 -6.98 27.93
N GLN A 255 19.89 -7.80 28.89
CA GLN A 255 19.03 -8.90 29.32
C GLN A 255 17.79 -8.51 30.10
N TYR A 256 17.62 -7.21 30.35
CA TYR A 256 16.45 -6.72 31.09
C TYR A 256 15.36 -6.28 30.13
N TYR A 257 15.67 -6.28 28.83
CA TYR A 257 14.69 -5.86 27.83
C TYR A 257 14.14 -7.05 27.06
N THR A 258 12.83 -7.06 26.89
CA THR A 258 12.20 -8.16 26.17
C THR A 258 11.31 -7.63 25.06
N CYS A 259 11.33 -8.31 23.93
CA CYS A 259 10.49 -7.93 22.81
C CYS A 259 9.23 -8.78 22.86
N HIS A 260 8.09 -8.17 22.62
CA HIS A 260 6.82 -8.89 22.63
C HIS A 260 6.13 -8.79 21.29
N VAL A 261 5.68 -9.94 20.78
CA VAL A 261 5.02 -10.00 19.48
C VAL A 261 3.62 -10.59 19.60
N TYR A 262 2.61 -9.82 19.19
CA TYR A 262 1.23 -10.29 19.23
C TYR A 262 0.73 -10.35 17.80
N HIS A 263 0.08 -11.46 17.46
CA HIS A 263 -0.42 -11.65 16.11
C HIS A 263 -1.50 -12.73 16.11
N GLN A 264 -2.39 -12.69 15.11
CA GLN A 264 -3.46 -13.67 15.01
C GLN A 264 -2.89 -15.09 14.88
N GLY A 265 -1.67 -15.19 14.39
CA GLY A 265 -1.05 -16.49 14.23
C GLY A 265 -0.26 -16.97 15.44
N LEU A 266 -0.29 -16.21 16.53
CA LEU A 266 0.42 -16.60 17.75
C LEU A 266 -0.55 -16.85 18.90
N PRO A 267 -0.96 -18.12 19.10
CA PRO A 267 -1.89 -18.41 20.20
C PRO A 267 -1.36 -17.84 21.50
N GLU A 268 -0.04 -17.76 21.60
CA GLU A 268 0.63 -17.21 22.77
C GLU A 268 1.60 -16.17 22.21
N PRO A 269 1.52 -14.92 22.68
CA PRO A 269 2.45 -13.92 22.14
C PRO A 269 3.90 -14.32 22.37
N LEU A 270 4.78 -13.91 21.47
CA LEU A 270 6.19 -14.23 21.60
C LEU A 270 6.87 -13.25 22.54
N THR A 271 7.91 -13.73 23.21
CA THR A 271 8.70 -12.94 24.13
C THR A 271 10.15 -13.29 23.85
N LEU A 272 10.92 -12.31 23.40
CA LEU A 272 12.33 -12.53 23.08
C LEU A 272 13.22 -11.52 23.77
N ARG A 273 14.48 -11.90 23.92
CA ARG A 273 15.49 -11.04 24.51
C ARG A 273 16.76 -11.31 23.71
N TRP A 274 17.75 -10.44 23.82
CA TRP A 274 18.98 -10.66 23.08
C TRP A 274 19.82 -11.73 23.76
N ILE B 1 1.12 19.66 -2.60
CA ILE B 1 1.75 18.79 -1.56
C ILE B 1 2.89 17.97 -2.14
N GLN B 2 4.10 18.19 -1.62
CA GLN B 2 5.26 17.43 -2.08
C GLN B 2 5.94 16.76 -0.90
N LYS B 3 6.08 15.45 -0.98
CA LYS B 3 6.69 14.68 0.09
C LYS B 3 7.82 13.81 -0.42
N THR B 4 8.94 13.82 0.28
CA THR B 4 10.11 13.03 -0.09
C THR B 4 9.87 11.56 0.22
N PRO B 5 10.15 10.69 -0.76
CA PRO B 5 9.95 9.26 -0.53
C PRO B 5 10.89 8.66 0.51
N GLN B 6 10.36 7.76 1.32
CA GLN B 6 11.15 7.06 2.32
C GLN B 6 11.55 5.79 1.56
N ILE B 7 12.82 5.41 1.63
CA ILE B 7 13.28 4.22 0.92
C ILE B 7 13.80 3.15 1.86
N GLN B 8 13.13 1.99 1.87
CA GLN B 8 13.53 0.88 2.73
C GLN B 8 13.89 -0.33 1.88
N VAL B 9 15.05 -0.92 2.15
CA VAL B 9 15.55 -2.09 1.41
C VAL B 9 15.76 -3.27 2.35
N TYR B 10 15.15 -4.41 2.02
CA TYR B 10 15.24 -5.59 2.88
C TYR B 10 14.87 -6.89 2.17
N SER B 11 15.33 -8.00 2.73
CA SER B 11 15.04 -9.31 2.16
C SER B 11 13.88 -9.99 2.89
N ARG B 12 13.26 -10.96 2.24
CA ARG B 12 12.14 -11.72 2.82
C ARG B 12 12.62 -12.58 3.99
N HIS B 13 13.73 -13.28 3.80
CA HIS B 13 14.30 -14.16 4.83
C HIS B 13 15.66 -13.64 5.29
N PRO B 14 16.06 -14.01 6.52
CA PRO B 14 17.38 -13.55 6.96
C PRO B 14 18.35 -14.05 5.89
N PRO B 15 19.26 -13.18 5.43
CA PRO B 15 20.20 -13.62 4.38
C PRO B 15 21.14 -14.77 4.70
N GLU B 16 21.16 -15.74 3.81
CA GLU B 16 22.02 -16.91 3.91
C GLU B 16 22.66 -17.09 2.53
N ASN B 17 23.98 -16.95 2.47
CA ASN B 17 24.67 -17.10 1.19
C ASN B 17 24.29 -18.42 0.54
N GLY B 18 24.04 -18.38 -0.77
CA GLY B 18 23.68 -19.58 -1.49
C GLY B 18 22.23 -20.03 -1.41
N LYS B 19 21.43 -19.34 -0.59
CA LYS B 19 20.02 -19.72 -0.46
C LYS B 19 19.08 -18.69 -1.08
N PRO B 20 18.20 -19.13 -1.99
CA PRO B 20 17.25 -18.25 -2.66
C PRO B 20 16.50 -17.39 -1.64
N ASN B 21 16.27 -16.13 -2.00
CA ASN B 21 15.61 -15.19 -1.13
C ASN B 21 14.88 -14.18 -2.01
N ILE B 22 14.36 -13.12 -1.40
CA ILE B 22 13.69 -12.07 -2.16
C ILE B 22 14.16 -10.73 -1.62
N LEU B 23 14.60 -9.84 -2.52
CA LEU B 23 15.05 -8.53 -2.09
C LEU B 23 13.94 -7.54 -2.41
N ASN B 24 13.66 -6.67 -1.45
CA ASN B 24 12.60 -5.68 -1.54
C ASN B 24 13.08 -4.23 -1.41
N CYS B 25 12.42 -3.34 -2.14
CA CYS B 25 12.68 -1.91 -2.04
C CYS B 25 11.30 -1.29 -1.90
N TYR B 26 10.94 -0.91 -0.68
CA TYR B 26 9.64 -0.31 -0.42
C TYR B 26 9.81 1.21 -0.40
N VAL B 27 9.18 1.88 -1.36
CA VAL B 27 9.27 3.34 -1.47
C VAL B 27 7.95 3.91 -0.98
N THR B 28 8.02 4.70 0.08
CA THR B 28 6.81 5.21 0.70
C THR B 28 6.74 6.70 1.01
N GLN B 29 5.53 7.13 1.36
CA GLN B 29 5.27 8.51 1.75
C GLN B 29 5.66 9.59 0.77
N PHE B 30 5.49 9.36 -0.53
CA PHE B 30 5.85 10.38 -1.51
C PHE B 30 4.66 10.95 -2.26
N HIS B 31 4.85 12.15 -2.79
CA HIS B 31 3.86 12.86 -3.59
C HIS B 31 4.62 13.98 -4.27
N PRO B 32 4.38 14.22 -5.58
CA PRO B 32 3.45 13.56 -6.50
C PRO B 32 3.81 12.10 -6.81
N PRO B 33 2.93 11.39 -7.52
CA PRO B 33 3.14 9.98 -7.89
C PRO B 33 4.26 9.66 -8.86
N HIS B 34 4.61 10.60 -9.75
CA HIS B 34 5.68 10.32 -10.70
C HIS B 34 6.94 9.95 -9.94
N ILE B 35 7.55 8.82 -10.29
CA ILE B 35 8.74 8.37 -9.59
C ILE B 35 9.45 7.30 -10.39
N GLU B 36 10.76 7.18 -10.20
CA GLU B 36 11.55 6.19 -10.90
C GLU B 36 12.26 5.34 -9.85
N ILE B 37 12.06 4.03 -9.94
CA ILE B 37 12.65 3.11 -8.98
C ILE B 37 13.41 2.00 -9.70
N GLN B 38 14.65 1.79 -9.28
CA GLN B 38 15.50 0.80 -9.91
C GLN B 38 16.27 0.02 -8.85
N MET B 39 16.37 -1.29 -9.03
CA MET B 39 17.11 -2.13 -8.10
C MET B 39 18.43 -2.47 -8.79
N LEU B 40 19.52 -2.46 -8.02
CA LEU B 40 20.84 -2.71 -8.59
C LEU B 40 21.66 -3.78 -7.89
N LYS B 41 22.36 -4.58 -8.69
CA LYS B 41 23.23 -5.63 -8.18
C LYS B 41 24.64 -5.22 -8.60
N ASN B 42 25.51 -4.99 -7.63
CA ASN B 42 26.89 -4.59 -7.90
C ASN B 42 26.95 -3.41 -8.87
N GLY B 43 26.08 -2.43 -8.64
CA GLY B 43 26.05 -1.24 -9.48
C GLY B 43 25.38 -1.41 -10.82
N LYS B 44 24.91 -2.63 -11.11
CA LYS B 44 24.26 -2.90 -12.38
C LYS B 44 22.76 -3.12 -12.18
N LYS B 45 21.96 -2.49 -13.03
CA LYS B 45 20.51 -2.59 -12.95
C LYS B 45 20.00 -4.03 -13.09
N ILE B 46 19.11 -4.43 -12.18
CA ILE B 46 18.53 -5.77 -12.21
C ILE B 46 17.35 -5.74 -13.19
N PRO B 47 17.32 -6.69 -14.14
CA PRO B 47 16.24 -6.74 -15.14
C PRO B 47 14.89 -7.27 -14.66
N LYS B 48 14.91 -8.34 -13.89
CA LYS B 48 13.67 -8.96 -13.42
C LYS B 48 13.10 -8.34 -12.13
N VAL B 49 12.58 -7.11 -12.23
CA VAL B 49 12.02 -6.45 -11.05
C VAL B 49 10.51 -6.27 -11.18
N GLU B 50 9.78 -6.78 -10.19
CA GLU B 50 8.33 -6.68 -10.18
C GLU B 50 7.88 -5.51 -9.31
N MET B 51 6.96 -4.71 -9.83
CA MET B 51 6.41 -3.60 -9.08
C MET B 51 5.06 -4.06 -8.54
N SER B 52 4.79 -3.83 -7.26
CA SER B 52 3.54 -4.26 -6.66
C SER B 52 3.18 -3.50 -5.41
N ASP B 53 2.04 -3.87 -4.83
CA ASP B 53 1.55 -3.26 -3.60
C ASP B 53 1.47 -1.74 -3.60
N MET B 54 0.99 -1.18 -4.70
CA MET B 54 0.85 0.26 -4.76
C MET B 54 -0.39 0.66 -3.98
N SER B 55 -0.27 1.69 -3.16
CA SER B 55 -1.42 2.18 -2.40
C SER B 55 -1.12 3.58 -1.87
N PHE B 56 -2.05 4.14 -1.11
CA PHE B 56 -1.84 5.43 -0.47
C PHE B 56 -2.31 5.34 0.96
N SER B 57 -1.71 6.16 1.82
CA SER B 57 -2.07 6.19 3.23
C SER B 57 -3.21 7.18 3.43
N LYS B 58 -3.56 7.40 4.70
CA LYS B 58 -4.62 8.32 5.09
C LYS B 58 -4.38 9.72 4.54
N ASP B 59 -3.12 10.15 4.55
CA ASP B 59 -2.76 11.48 4.06
C ASP B 59 -2.52 11.53 2.56
N TRP B 60 -2.93 10.48 1.85
CA TRP B 60 -2.81 10.39 0.39
C TRP B 60 -1.42 10.20 -0.21
N SER B 61 -0.39 10.07 0.62
CA SER B 61 0.94 9.87 0.07
C SER B 61 1.01 8.46 -0.54
N PHE B 62 1.81 8.32 -1.60
CA PHE B 62 1.92 7.04 -2.29
C PHE B 62 2.90 6.05 -1.68
N TYR B 63 2.59 4.77 -1.87
CA TYR B 63 3.40 3.64 -1.40
C TYR B 63 3.50 2.64 -2.53
N ILE B 64 4.68 2.06 -2.73
CA ILE B 64 4.85 1.05 -3.78
C ILE B 64 6.07 0.17 -3.53
N LEU B 65 5.94 -1.11 -3.88
CA LEU B 65 7.00 -2.08 -3.68
C LEU B 65 7.65 -2.60 -4.95
N ALA B 66 8.98 -2.65 -4.93
CA ALA B 66 9.75 -3.20 -6.04
C ALA B 66 10.42 -4.40 -5.40
N HIS B 67 10.36 -5.55 -6.06
CA HIS B 67 11.01 -6.73 -5.49
C HIS B 67 11.52 -7.65 -6.57
N THR B 68 12.47 -8.49 -6.20
CA THR B 68 13.05 -9.40 -7.16
C THR B 68 13.67 -10.59 -6.45
N GLU B 69 13.73 -11.72 -7.14
CA GLU B 69 14.32 -12.91 -6.56
C GLU B 69 15.84 -12.76 -6.63
N PHE B 70 16.55 -13.30 -5.64
CA PHE B 70 18.00 -13.23 -5.62
C PHE B 70 18.60 -14.23 -4.66
N THR B 71 19.84 -14.61 -4.92
CA THR B 71 20.55 -15.53 -4.07
C THR B 71 21.78 -14.78 -3.59
N PRO B 72 21.75 -14.33 -2.33
CA PRO B 72 22.89 -13.59 -1.77
C PRO B 72 24.18 -14.38 -1.68
N THR B 73 25.28 -13.67 -1.85
CA THR B 73 26.61 -14.26 -1.74
C THR B 73 27.32 -13.34 -0.76
N GLU B 74 28.54 -13.68 -0.38
CA GLU B 74 29.26 -12.85 0.56
C GLU B 74 29.71 -11.53 -0.06
N THR B 75 30.03 -11.53 -1.35
CA THR B 75 30.53 -10.33 -2.01
C THR B 75 29.53 -9.41 -2.72
N ASP B 76 28.40 -9.96 -3.17
CA ASP B 76 27.42 -9.15 -3.90
C ASP B 76 26.73 -8.07 -3.06
N THR B 77 26.67 -6.86 -3.61
CA THR B 77 26.00 -5.76 -2.92
C THR B 77 24.78 -5.34 -3.74
N TYR B 78 23.72 -4.97 -3.03
CA TYR B 78 22.49 -4.55 -3.69
C TYR B 78 22.05 -3.18 -3.20
N ALA B 79 21.36 -2.46 -4.06
CA ALA B 79 20.88 -1.14 -3.71
C ALA B 79 19.61 -0.81 -4.47
N CYS B 80 18.94 0.24 -4.02
CA CYS B 80 17.72 0.71 -4.66
C CYS B 80 17.95 2.19 -4.95
N ARG B 81 17.75 2.60 -6.19
CA ARG B 81 17.96 4.00 -6.56
C ARG B 81 16.64 4.63 -6.99
N VAL B 82 16.28 5.74 -6.35
CA VAL B 82 15.02 6.43 -6.64
C VAL B 82 15.19 7.88 -7.10
N LYS B 83 14.44 8.24 -8.13
CA LYS B 83 14.43 9.61 -8.67
C LYS B 83 13.02 10.13 -8.44
N HIS B 84 12.92 11.28 -7.77
CA HIS B 84 11.62 11.89 -7.50
C HIS B 84 11.78 13.41 -7.48
N ASP B 85 10.76 14.12 -7.94
CA ASP B 85 10.76 15.59 -8.00
C ASP B 85 11.16 16.27 -6.69
N SER B 86 10.94 15.62 -5.56
CA SER B 86 11.27 16.21 -4.27
C SER B 86 12.78 16.14 -4.00
N MET B 87 13.52 15.50 -4.88
CA MET B 87 14.96 15.36 -4.70
C MET B 87 15.74 15.89 -5.90
N ALA B 88 16.80 16.63 -5.59
CA ALA B 88 17.65 17.22 -6.63
C ALA B 88 18.41 16.12 -7.36
N GLU B 89 18.95 15.17 -6.60
CA GLU B 89 19.70 14.06 -7.18
C GLU B 89 19.08 12.72 -6.82
N PRO B 90 19.21 11.75 -7.72
CA PRO B 90 18.65 10.41 -7.48
C PRO B 90 19.19 9.88 -6.16
N LYS B 91 18.34 9.23 -5.38
CA LYS B 91 18.79 8.71 -4.10
C LYS B 91 18.99 7.19 -4.18
N THR B 92 20.14 6.74 -3.70
CA THR B 92 20.46 5.31 -3.70
C THR B 92 20.61 4.81 -2.27
N VAL B 93 19.84 3.79 -1.93
CA VAL B 93 19.90 3.19 -0.60
C VAL B 93 20.47 1.79 -0.74
N TYR B 94 21.50 1.47 0.04
CA TYR B 94 22.12 0.15 -0.01
C TYR B 94 21.54 -0.82 0.99
N TRP B 95 21.48 -2.08 0.58
CA TRP B 95 20.96 -3.13 1.42
C TRP B 95 21.95 -3.45 2.53
N ASP B 96 21.48 -3.37 3.78
CA ASP B 96 22.30 -3.65 4.93
C ASP B 96 21.82 -4.96 5.55
N ARG B 97 22.48 -6.04 5.19
CA ARG B 97 22.11 -7.37 5.67
C ARG B 97 22.33 -7.65 7.16
N ASP B 98 22.95 -6.72 7.87
CA ASP B 98 23.20 -6.92 9.30
C ASP B 98 22.22 -6.15 10.19
N MET B 99 21.32 -5.41 9.57
CA MET B 99 20.34 -4.62 10.32
C MET B 99 19.55 -5.46 11.33
N SER C 1 -15.71 -6.19 -7.62
CA SER C 1 -15.55 -5.37 -8.85
C SER C 1 -15.76 -3.88 -8.56
N GLU C 2 -15.01 -3.07 -9.27
CA GLU C 2 -15.04 -1.61 -9.15
C GLU C 2 -16.39 -0.99 -9.54
N ILE C 3 -16.68 0.19 -9.00
CA ILE C 3 -17.94 0.87 -9.34
C ILE C 3 -17.63 1.81 -10.49
N GLU C 4 -18.66 2.26 -11.21
CA GLU C 4 -18.47 3.21 -12.29
C GLU C 4 -18.53 4.57 -11.58
N PHE C 5 -17.46 5.35 -11.69
CA PHE C 5 -17.41 6.66 -11.03
C PHE C 5 -18.17 7.76 -11.77
N ALA C 6 -18.72 8.69 -10.98
CA ALA C 6 -19.46 9.84 -11.53
C ALA C 6 -18.49 11.01 -11.70
N ARG C 7 -18.89 12.00 -12.51
CA ARG C 7 -18.04 13.16 -12.79
C ARG C 7 -17.98 14.19 -11.67
N LEU C 8 -16.81 14.81 -11.50
CA LEU C 8 -16.64 15.83 -10.48
C LEU C 8 -17.21 17.16 -10.99
C1 NAG D . -11.07 -23.53 1.21
C2 NAG D . -10.78 -24.44 2.41
C3 NAG D . -10.75 -25.91 1.95
C4 NAG D . -12.08 -26.24 1.23
C5 NAG D . -12.31 -25.24 0.09
C6 NAG D . -13.63 -25.47 -0.63
C7 NAG D . -8.36 -24.28 2.40
C8 NAG D . -7.08 -24.00 3.16
N2 NAG D . -9.52 -24.09 3.03
O3 NAG D . -10.58 -26.77 3.06
O4 NAG D . -12.02 -27.57 0.71
O5 NAG D . -12.32 -23.89 0.60
O6 NAG D . -14.01 -24.27 -1.36
O7 NAG D . -8.30 -24.67 1.22
C1 FUL D . -13.42 -24.24 -2.62
C2 FUL D . -13.07 -22.78 -2.99
O2 FUL D . -11.74 -22.48 -2.59
C3 FUL D . -13.22 -22.59 -4.50
O3 FUL D . -12.79 -21.30 -4.85
C4 FUL D . -14.68 -22.78 -4.89
O4 FUL D . -15.42 -21.63 -4.54
C5 FUL D . -15.28 -24.03 -4.22
C6 FUL D . -16.30 -23.72 -3.15
O5 FUL D . -14.24 -24.85 -3.63
C1 NAG E . -7.75 33.10 -12.78
C2 NAG E . -7.70 34.20 -11.72
C3 NAG E . -7.57 35.54 -12.42
C4 NAG E . -6.20 35.62 -13.10
C5 NAG E . -5.71 34.24 -13.59
C6 NAG E . -4.73 33.53 -12.69
C7 NAG E . -10.11 34.17 -11.46
C8 NAG E . -11.28 33.74 -10.60
N2 NAG E . -8.91 34.18 -10.90
O3 NAG E . -7.71 36.60 -11.48
O4 NAG E . -6.28 36.52 -14.20
O5 NAG E . -6.83 33.33 -13.88
O6 NAG E . -5.12 33.58 -11.32
O7 NAG E . -10.30 34.49 -12.64
#